data_7EHZ
#
_entry.id   7EHZ
#
_cell.length_a   87.081
_cell.length_b   68.057
_cell.length_c   45.205
_cell.angle_alpha   90.000
_cell.angle_beta   104.280
_cell.angle_gamma   90.000
#
_symmetry.space_group_name_H-M   'C 1 2 1'
#
loop_
_entity.id
_entity.type
_entity.pdbx_description
1 polymer 'Nicotinamide N-methyltransferase'
2 polymer 'macrocyclic peptide 2'
3 water water
#
loop_
_entity_poly.entity_id
_entity_poly.type
_entity_poly.pdbx_seq_one_letter_code
_entity_poly.pdbx_strand_id
1 'polypeptide(L)'
;GSGFTSKDTYLSHFNPRDYLEKYYKFGSRHSAESQILKHLLKNLFKIFCLDGVKGDLLIDIGSGPTIYQLLSACESFKEI
VVTDYSDQNLQELEKWLKKEPAAFDWSPVVTYVCDLEGNRVKGPEKEEKLRQAVKQVLKCDVTQSQPLGAVPLPPADCVL
STLCLDAACPDLPTYCRALRNLGSLLKPGGFLVIMDALKSSYYMIGEQKFSSLPLGREAVEAAVKEAGYTIEWFEVISQS
YSSTMANNEGLFSLVARKL
;
A
2 'polypeptide(L)' G(MEA)PYRP(DI8)(XA6)C B
#
# COMPACT_ATOMS: atom_id res chain seq x y z
N SER A 12 5.30 -15.57 -1.39
CA SER A 12 6.69 -15.61 -1.98
C SER A 12 7.70 -16.17 -1.03
N HIS A 13 8.87 -16.53 -1.57
CA HIS A 13 9.88 -17.34 -0.87
C HIS A 13 9.19 -18.56 -0.16
N PHE A 14 9.62 -18.92 1.04
CA PHE A 14 9.02 -20.05 1.78
C PHE A 14 7.75 -19.63 2.58
N ASN A 15 7.80 -18.45 3.17
CA ASN A 15 6.73 -17.89 3.99
C ASN A 15 6.91 -16.35 4.06
N PRO A 16 5.99 -15.63 4.78
CA PRO A 16 6.05 -14.17 4.93
C PRO A 16 7.39 -13.63 5.36
N ARG A 17 8.03 -14.31 6.29
CA ARG A 17 9.28 -13.79 6.86
C ARG A 17 10.45 -13.94 5.86
N ASP A 18 10.59 -15.14 5.34
CA ASP A 18 11.51 -15.44 4.27
C ASP A 18 11.38 -14.45 3.11
N TYR A 19 10.13 -14.12 2.76
CA TYR A 19 9.83 -13.12 1.74
C TYR A 19 10.45 -11.76 2.05
N LEU A 20 10.33 -11.32 3.30
CA LEU A 20 10.97 -10.12 3.76
C LEU A 20 12.49 -10.26 3.73
N GLU A 21 12.99 -11.38 4.23
CA GLU A 21 14.45 -11.61 4.21
C GLU A 21 15.00 -11.59 2.78
N LYS A 22 14.22 -12.09 1.83
CA LYS A 22 14.70 -12.16 0.47
C LYS A 22 14.68 -10.80 -0.19
N TYR A 23 13.68 -9.97 0.09
CA TYR A 23 13.48 -8.78 -0.73
C TYR A 23 13.66 -7.41 -0.10
N TYR A 24 13.73 -7.34 1.22
CA TYR A 24 13.61 -6.02 1.87
C TYR A 24 14.75 -5.63 2.80
N LYS A 25 15.89 -6.30 2.65
CA LYS A 25 17.02 -6.04 3.54
C LYS A 25 17.86 -4.88 3.00
N PHE A 26 17.59 -4.51 1.74
CA PHE A 26 18.26 -3.38 1.08
C PHE A 26 19.79 -3.58 1.04
N GLY A 27 20.22 -4.81 0.73
CA GLY A 27 21.63 -5.20 0.76
C GLY A 27 22.43 -4.70 -0.43
N SER A 28 21.72 -4.23 -1.45
CA SER A 28 22.32 -3.89 -2.71
C SER A 28 21.44 -2.89 -3.41
N ARG A 29 21.97 -1.68 -3.49
CA ARG A 29 21.24 -0.58 -4.05
C ARG A 29 20.93 -0.80 -5.53
N HIS A 30 21.65 -1.72 -6.15
CA HIS A 30 21.43 -1.95 -7.56
C HIS A 30 20.48 -3.10 -7.91
N SER A 31 20.20 -3.98 -6.95
CA SER A 31 19.15 -5.03 -7.11
C SER A 31 17.81 -4.47 -7.61
N ALA A 32 17.09 -5.29 -8.38
CA ALA A 32 15.78 -4.95 -8.95
C ALA A 32 14.81 -4.56 -7.83
N GLU A 33 14.81 -5.31 -6.74
CA GLU A 33 13.95 -4.98 -5.60
C GLU A 33 14.28 -3.62 -4.97
N SER A 34 15.56 -3.32 -4.75
CA SER A 34 15.90 -2.02 -4.12
C SER A 34 15.52 -0.86 -5.01
N GLN A 35 15.69 -1.06 -6.31
CA GLN A 35 15.34 -0.11 -7.35
C GLN A 35 13.87 0.28 -7.29
N ILE A 36 13.04 -0.75 -7.18
CA ILE A 36 11.59 -0.64 -7.17
C ILE A 36 11.09 -0.01 -5.86
N LEU A 37 11.65 -0.45 -4.73
CA LEU A 37 11.34 0.23 -3.46
C LEU A 37 11.68 1.71 -3.51
N LYS A 38 12.86 2.01 -4.05
CA LYS A 38 13.31 3.39 -4.24
C LYS A 38 12.24 4.17 -5.03
N HIS A 39 11.78 3.62 -6.16
CA HIS A 39 10.68 4.24 -6.92
C HIS A 39 9.37 4.37 -6.16
N LEU A 40 9.00 3.36 -5.37
CA LEU A 40 7.70 3.42 -4.66
C LEU A 40 7.71 4.42 -3.50
N LEU A 41 8.85 4.47 -2.81
CA LEU A 41 9.04 5.29 -1.63
C LEU A 41 9.16 6.73 -2.02
N LYS A 42 9.91 6.97 -3.10
CA LYS A 42 10.01 8.31 -3.74
C LYS A 42 8.60 8.84 -3.96
N ASN A 43 7.77 8.00 -4.55
CA ASN A 43 6.42 8.41 -4.85
C ASN A 43 5.52 8.56 -3.64
N LEU A 44 5.54 7.57 -2.74
CA LEU A 44 4.89 7.69 -1.41
C LEU A 44 5.24 8.97 -0.64
N PHE A 45 6.48 9.40 -0.79
CA PHE A 45 6.94 10.64 -0.26
C PHE A 45 6.29 11.85 -0.95
N LYS A 46 6.27 11.89 -2.29
CA LYS A 46 5.59 13.01 -2.97
C LYS A 46 4.13 13.10 -2.54
N ILE A 47 3.46 11.96 -2.47
CA ILE A 47 2.03 11.93 -2.15
C ILE A 47 1.75 12.43 -0.74
N PHE A 48 2.48 11.93 0.26
CA PHE A 48 2.12 12.29 1.63
C PHE A 48 2.80 13.54 2.16
N CYS A 49 3.97 13.86 1.59
CA CYS A 49 4.84 14.89 2.14
C CYS A 49 4.90 16.15 1.30
N LEU A 50 4.77 15.99 -0.01
CA LEU A 50 4.76 17.12 -0.96
C LEU A 50 3.31 17.51 -1.30
N ASP A 51 2.53 16.57 -1.84
CA ASP A 51 1.19 16.87 -2.36
C ASP A 51 0.11 17.20 -1.33
N GLY A 52 0.52 17.31 -0.06
CA GLY A 52 -0.41 17.59 1.02
C GLY A 52 -1.57 16.61 1.20
N VAL A 53 -1.29 15.31 1.11
CA VAL A 53 -2.25 14.28 1.52
C VAL A 53 -2.02 14.01 3.00
N LYS A 54 -3.02 14.33 3.81
CA LYS A 54 -2.90 14.57 5.26
C LYS A 54 -4.23 14.18 5.90
N GLY A 55 -4.27 13.96 7.21
CA GLY A 55 -5.53 13.71 7.92
C GLY A 55 -5.39 12.99 9.24
N ASP A 56 -6.52 12.67 9.86
CA ASP A 56 -6.50 12.01 11.16
C ASP A 56 -6.25 10.51 11.03
N LEU A 57 -7.07 9.83 10.24
CA LEU A 57 -7.04 8.39 10.14
C LEU A 57 -6.83 7.87 8.73
N LEU A 58 -5.83 7.00 8.59
CA LEU A 58 -5.59 6.33 7.31
C LEU A 58 -5.76 4.82 7.44
N ILE A 59 -6.45 4.21 6.49
CA ILE A 59 -6.48 2.75 6.45
C ILE A 59 -5.60 2.23 5.32
N ASP A 60 -4.62 1.40 5.67
CA ASP A 60 -3.78 0.74 4.69
C ASP A 60 -4.36 -0.64 4.40
N ILE A 61 -4.75 -0.87 3.13
CA ILE A 61 -5.42 -2.07 2.69
C ILE A 61 -4.44 -2.94 1.98
N GLY A 62 -4.25 -4.17 2.49
CA GLY A 62 -3.31 -5.12 1.88
C GLY A 62 -1.88 -4.73 2.19
N SER A 63 -1.58 -4.62 3.45
CA SER A 63 -0.28 -4.14 3.86
C SER A 63 0.74 -5.26 4.04
N GLY A 64 0.25 -6.49 3.85
CA GLY A 64 0.98 -7.73 4.08
C GLY A 64 1.87 -7.67 5.31
N PRO A 65 3.10 -8.16 5.18
CA PRO A 65 4.00 -8.08 6.34
C PRO A 65 4.96 -6.91 6.26
N THR A 66 4.67 -5.92 5.41
CA THR A 66 5.64 -4.83 5.20
C THR A 66 5.18 -3.54 5.83
N ILE A 67 6.13 -2.71 6.20
CA ILE A 67 5.78 -1.42 6.78
C ILE A 67 6.28 -0.24 5.94
N TYR A 68 6.98 -0.54 4.84
CA TYR A 68 7.70 0.46 4.08
C TYR A 68 6.74 1.49 3.48
N GLN A 69 5.51 1.07 3.23
CA GLN A 69 4.52 1.93 2.59
C GLN A 69 3.85 2.93 3.54
N LEU A 70 4.28 2.90 4.79
CA LEU A 70 3.67 3.72 5.83
C LEU A 70 4.61 4.72 6.43
N LEU A 71 5.87 4.67 6.00
CA LEU A 71 6.92 5.45 6.67
C LEU A 71 6.79 6.93 6.45
N SER A 72 6.35 7.32 5.27
CA SER A 72 6.13 8.75 5.02
C SER A 72 4.75 9.08 5.56
N ALA A 73 3.82 8.14 5.41
CA ALA A 73 2.43 8.36 5.73
C ALA A 73 2.22 8.67 7.17
N CYS A 74 3.11 8.15 8.03
CA CYS A 74 2.98 8.34 9.48
C CYS A 74 3.37 9.75 9.93
N GLU A 75 3.77 10.59 8.98
CA GLU A 75 4.07 12.01 9.27
C GLU A 75 2.86 12.91 9.02
N SER A 76 1.92 12.39 8.24
CA SER A 76 0.74 13.12 7.80
C SER A 76 -0.57 12.57 8.39
N PHE A 77 -0.49 11.51 9.19
CA PHE A 77 -1.70 10.88 9.71
C PHE A 77 -1.55 10.54 11.18
N LYS A 78 -2.46 11.11 11.97
CA LYS A 78 -2.53 10.95 13.42
C LYS A 78 -2.62 9.47 13.75
N GLU A 79 -3.48 8.75 13.04
CA GLU A 79 -3.63 7.32 13.24
C GLU A 79 -3.65 6.50 11.93
N ILE A 80 -3.09 5.29 12.01
CA ILE A 80 -3.10 4.30 10.92
C ILE A 80 -3.59 2.91 11.32
N VAL A 81 -4.52 2.38 10.54
CA VAL A 81 -5.02 1.01 10.68
C VAL A 81 -4.42 0.14 9.56
N VAL A 82 -3.75 -0.93 9.92
CA VAL A 82 -3.15 -1.75 8.87
C VAL A 82 -3.99 -2.97 8.77
N THR A 83 -4.15 -3.46 7.55
CA THR A 83 -5.01 -4.57 7.30
C THR A 83 -4.39 -5.52 6.30
N ASP A 84 -4.85 -6.77 6.34
CA ASP A 84 -4.47 -7.74 5.31
C ASP A 84 -5.42 -8.89 5.26
N TYR A 85 -5.49 -9.48 4.06
CA TYR A 85 -6.25 -10.70 3.83
C TYR A 85 -5.67 -11.96 4.58
N SER A 86 -4.36 -12.00 4.80
CA SER A 86 -3.66 -13.18 5.34
C SER A 86 -3.27 -12.96 6.81
N ASP A 87 -3.75 -13.85 7.68
CA ASP A 87 -3.52 -13.69 9.12
C ASP A 87 -2.04 -13.92 9.47
N GLN A 88 -1.35 -14.80 8.73
CA GLN A 88 0.11 -14.93 8.84
C GLN A 88 0.91 -13.62 8.48
N ASN A 89 0.47 -12.82 7.50
CA ASN A 89 1.17 -11.54 7.24
C ASN A 89 1.07 -10.64 8.47
N LEU A 90 -0.15 -10.57 9.00
CA LEU A 90 -0.50 -9.76 10.15
C LEU A 90 0.31 -10.10 11.40
N GLN A 91 0.64 -11.37 11.57
CA GLN A 91 1.42 -11.81 12.72
C GLN A 91 2.84 -11.39 12.57
N GLU A 92 3.40 -11.59 11.39
CA GLU A 92 4.74 -11.10 11.10
C GLU A 92 4.82 -9.59 11.40
N LEU A 93 3.76 -8.85 11.03
CA LEU A 93 3.71 -7.40 11.18
C LEU A 93 3.68 -6.94 12.63
N GLU A 94 2.71 -7.47 13.37
CA GLU A 94 2.57 -7.33 14.81
C GLU A 94 3.88 -7.59 15.56
N LYS A 95 4.59 -8.64 15.15
CA LYS A 95 5.91 -9.02 15.72
C LYS A 95 6.79 -7.78 15.79
N TRP A 96 6.86 -7.04 14.69
CA TRP A 96 7.63 -5.81 14.61
C TRP A 96 6.97 -4.69 15.36
N LEU A 97 5.68 -4.49 15.12
CA LEU A 97 4.94 -3.46 15.85
C LEU A 97 5.13 -3.53 17.39
N LYS A 98 5.08 -4.75 17.94
CA LYS A 98 5.10 -5.01 19.39
C LYS A 98 6.52 -5.18 19.90
N LYS A 99 7.48 -4.97 19.00
CA LYS A 99 8.90 -4.99 19.31
C LYS A 99 9.42 -6.31 19.85
N GLU A 100 8.86 -7.42 19.35
CA GLU A 100 9.28 -8.75 19.74
C GLU A 100 10.72 -9.05 19.25
N PRO A 101 11.36 -10.09 19.83
CA PRO A 101 12.83 -10.24 19.63
C PRO A 101 13.28 -10.72 18.23
N ALA A 102 12.49 -11.58 17.59
CA ALA A 102 12.86 -12.02 16.24
C ALA A 102 12.01 -11.36 15.13
N ALA A 103 11.62 -10.10 15.38
CA ALA A 103 11.02 -9.27 14.34
C ALA A 103 12.07 -9.02 13.26
N PHE A 104 11.59 -8.94 12.03
CA PHE A 104 12.38 -8.45 10.90
C PHE A 104 13.07 -7.12 11.20
N ASP A 105 14.31 -6.99 10.78
CA ASP A 105 15.01 -5.73 10.89
C ASP A 105 14.54 -4.75 9.81
N TRP A 106 13.70 -3.78 10.14
CA TRP A 106 13.37 -2.72 9.16
C TRP A 106 14.34 -1.51 9.00
N SER A 107 15.43 -1.47 9.77
CA SER A 107 16.40 -0.33 9.73
C SER A 107 16.88 0.04 8.35
N PRO A 108 17.24 -0.97 7.50
CA PRO A 108 17.70 -0.51 6.18
C PRO A 108 16.67 0.32 5.41
N VAL A 109 15.40 -0.08 5.40
CA VAL A 109 14.44 0.69 4.65
C VAL A 109 14.11 1.94 5.45
N VAL A 110 13.96 1.80 6.77
CA VAL A 110 13.65 2.95 7.63
C VAL A 110 14.64 4.07 7.41
N THR A 111 15.93 3.76 7.49
CA THR A 111 16.91 4.84 7.41
C THR A 111 16.96 5.35 5.98
N TYR A 112 16.66 4.49 4.99
CA TYR A 112 16.56 4.96 3.61
C TYR A 112 15.52 6.08 3.53
N VAL A 113 14.35 5.88 4.13
CA VAL A 113 13.26 6.87 4.09
C VAL A 113 13.66 8.12 4.85
N CYS A 114 14.33 7.91 5.98
CA CYS A 114 14.79 9.03 6.82
C CYS A 114 15.62 9.95 5.95
N ASP A 115 16.48 9.33 5.15
CA ASP A 115 17.42 10.02 4.28
C ASP A 115 16.72 10.80 3.19
N LEU A 116 15.80 10.12 2.51
CA LEU A 116 14.90 10.71 1.53
C LEU A 116 14.09 11.88 2.08
N GLU A 117 13.80 11.87 3.38
CA GLU A 117 13.03 12.96 3.97
C GLU A 117 13.95 14.11 4.42
N GLY A 118 15.24 14.00 4.12
CA GLY A 118 16.20 15.02 4.47
C GLY A 118 16.93 14.77 5.77
N ASN A 119 17.05 13.52 6.20
CA ASN A 119 17.81 13.18 7.41
C ASN A 119 17.54 14.13 8.61
N ARG A 120 16.27 14.55 8.75
CA ARG A 120 15.73 15.33 9.85
C ARG A 120 15.56 14.53 11.13
N VAL A 121 15.21 13.25 10.96
CA VAL A 121 15.09 12.26 12.06
C VAL A 121 15.98 11.05 11.78
N LYS A 122 16.41 10.36 12.83
CA LYS A 122 17.13 9.09 12.64
C LYS A 122 16.12 7.95 12.81
N GLY A 123 16.55 6.74 12.46
CA GLY A 123 15.72 5.55 12.43
C GLY A 123 14.82 5.28 13.62
N PRO A 124 15.37 5.31 14.87
CA PRO A 124 14.53 5.04 16.09
C PRO A 124 13.35 5.99 16.29
N GLU A 125 13.51 7.25 15.89
CA GLU A 125 12.44 8.23 15.97
C GLU A 125 11.36 7.99 14.89
N LYS A 126 11.79 7.58 13.69
CA LYS A 126 10.86 7.24 12.63
C LYS A 126 10.10 5.96 13.01
N GLU A 127 10.80 4.91 13.42
CA GLU A 127 10.12 3.71 13.91
C GLU A 127 9.10 3.98 15.00
N GLU A 128 9.44 4.85 15.96
CA GLU A 128 8.58 5.12 17.12
C GLU A 128 7.31 5.89 16.69
N LYS A 129 7.52 6.91 15.87
CA LYS A 129 6.43 7.63 15.20
C LYS A 129 5.46 6.67 14.47
N LEU A 130 5.96 5.69 13.74
CA LEU A 130 5.05 4.74 13.10
C LEU A 130 4.25 3.89 14.09
N ARG A 131 4.93 3.33 15.08
CA ARG A 131 4.29 2.56 16.17
C ARG A 131 3.17 3.29 16.92
N GLN A 132 3.42 4.55 17.33
CA GLN A 132 2.37 5.41 17.92
C GLN A 132 1.14 5.60 17.03
N ALA A 133 1.34 5.62 15.72
CA ALA A 133 0.25 5.87 14.76
C ALA A 133 -0.57 4.62 14.51
N VAL A 134 0.07 3.44 14.60
CA VAL A 134 -0.63 2.17 14.36
C VAL A 134 -1.19 1.52 15.63
N LYS A 135 -2.51 1.47 15.74
CA LYS A 135 -3.17 0.85 16.92
C LYS A 135 -4.03 -0.36 16.56
N GLN A 136 -4.66 -0.34 15.38
CA GLN A 136 -5.46 -1.49 14.96
C GLN A 136 -4.85 -2.31 13.80
N VAL A 137 -4.88 -3.62 13.96
CA VAL A 137 -4.36 -4.56 12.96
C VAL A 137 -5.48 -5.52 12.67
N LEU A 138 -5.97 -5.51 11.43
CA LEU A 138 -7.29 -6.07 11.11
C LEU A 138 -7.32 -6.92 9.84
N LYS A 139 -8.26 -7.83 9.76
CA LYS A 139 -8.46 -8.56 8.52
C LYS A 139 -9.16 -7.62 7.55
N CYS A 140 -8.74 -7.64 6.28
CA CYS A 140 -9.47 -6.98 5.24
C CYS A 140 -9.71 -7.99 4.13
N ASP A 141 -10.83 -7.85 3.44
CA ASP A 141 -11.11 -8.54 2.20
C ASP A 141 -11.84 -7.55 1.29
N VAL A 142 -11.08 -7.13 0.29
CA VAL A 142 -11.48 -6.18 -0.71
C VAL A 142 -12.75 -6.62 -1.46
N THR A 143 -12.98 -7.92 -1.50
CA THR A 143 -14.12 -8.50 -2.25
C THR A 143 -15.45 -8.30 -1.53
N GLN A 144 -15.40 -8.09 -0.21
CA GLN A 144 -16.60 -8.02 0.59
C GLN A 144 -17.20 -6.61 0.61
N SER A 145 -18.53 -6.55 0.65
CA SER A 145 -19.30 -5.32 0.94
C SER A 145 -18.70 -4.59 2.11
N GLN A 146 -18.51 -5.32 3.20
CA GLN A 146 -17.76 -4.79 4.32
C GLN A 146 -16.32 -5.32 4.13
N PRO A 147 -15.40 -4.45 3.65
CA PRO A 147 -14.00 -4.93 3.52
C PRO A 147 -13.45 -5.42 4.85
N LEU A 148 -13.83 -4.75 5.95
CA LEU A 148 -13.35 -5.12 7.28
C LEU A 148 -14.37 -5.89 8.09
N GLY A 149 -15.28 -6.56 7.37
CA GLY A 149 -16.34 -7.37 7.97
C GLY A 149 -17.04 -6.60 9.09
N ALA A 150 -17.03 -7.22 10.27
CA ALA A 150 -17.73 -6.75 11.47
C ALA A 150 -17.03 -5.63 12.25
N VAL A 151 -15.80 -5.29 11.88
CA VAL A 151 -15.10 -4.24 12.62
C VAL A 151 -15.70 -2.88 12.29
N PRO A 152 -16.10 -2.13 13.34
CA PRO A 152 -16.62 -0.78 13.13
C PRO A 152 -15.48 0.22 13.14
N LEU A 153 -15.47 1.10 12.14
CA LEU A 153 -14.49 2.19 12.09
C LEU A 153 -15.10 3.51 11.74
N PRO A 154 -14.70 4.58 12.45
CA PRO A 154 -15.04 5.94 12.04
C PRO A 154 -14.66 6.13 10.57
N PRO A 155 -15.41 6.96 9.82
CA PRO A 155 -14.97 7.20 8.48
C PRO A 155 -13.52 7.77 8.41
N ALA A 156 -12.79 7.31 7.41
CA ALA A 156 -11.38 7.59 7.24
C ALA A 156 -11.15 8.74 6.29
N ASP A 157 -9.97 9.34 6.41
CA ASP A 157 -9.61 10.45 5.60
C ASP A 157 -8.82 9.95 4.41
N CYS A 158 -8.29 8.74 4.56
CA CYS A 158 -7.56 8.12 3.47
C CYS A 158 -7.57 6.59 3.47
N VAL A 159 -7.71 6.04 2.27
CA VAL A 159 -7.53 4.63 2.08
C VAL A 159 -6.37 4.41 1.14
N LEU A 160 -5.38 3.69 1.62
CA LEU A 160 -4.14 3.43 0.87
C LEU A 160 -4.09 1.96 0.51
N SER A 161 -3.81 1.68 -0.77
CA SER A 161 -3.71 0.32 -1.20
C SER A 161 -2.60 0.19 -2.20
N THR A 162 -1.51 -0.44 -1.76
CA THR A 162 -0.36 -0.56 -2.62
C THR A 162 -0.22 -1.99 -3.05
N LEU A 163 -0.23 -2.17 -4.37
CA LEU A 163 -0.02 -3.48 -5.01
C LEU A 163 -0.93 -4.61 -4.51
N CYS A 164 -2.17 -4.27 -4.23
CA CYS A 164 -3.07 -5.26 -3.67
C CYS A 164 -4.24 -5.50 -4.62
N LEU A 165 -4.97 -4.46 -4.97
CA LEU A 165 -6.26 -4.74 -5.53
C LEU A 165 -6.29 -5.16 -6.99
N ASP A 166 -5.21 -4.98 -7.71
CA ASP A 166 -5.11 -5.64 -8.99
C ASP A 166 -4.95 -7.17 -8.81
N ALA A 167 -4.13 -7.62 -7.87
CA ALA A 167 -3.93 -9.06 -7.66
C ALA A 167 -5.07 -9.73 -6.89
N ALA A 168 -5.78 -8.94 -6.10
CA ALA A 168 -6.94 -9.41 -5.32
C ALA A 168 -8.19 -9.63 -6.16
N CYS A 169 -8.27 -8.92 -7.29
CA CYS A 169 -9.45 -9.02 -8.16
C CYS A 169 -9.15 -9.71 -9.48
N PRO A 170 -9.66 -10.95 -9.68
CA PRO A 170 -9.47 -11.53 -11.03
C PRO A 170 -10.24 -10.73 -12.11
N ASP A 171 -11.46 -10.31 -11.78
CA ASP A 171 -12.39 -9.65 -12.67
C ASP A 171 -12.29 -8.14 -12.68
N LEU A 172 -12.54 -7.56 -13.86
CA LEU A 172 -12.87 -6.14 -13.96
C LEU A 172 -14.12 -5.74 -13.16
N PRO A 173 -15.22 -6.54 -13.24
CA PRO A 173 -16.38 -6.25 -12.37
C PRO A 173 -16.02 -6.25 -10.90
N THR A 174 -15.19 -7.20 -10.49
CA THR A 174 -14.80 -7.33 -9.08
C THR A 174 -13.96 -6.17 -8.70
N TYR A 175 -13.07 -5.76 -9.61
CA TYR A 175 -12.20 -4.64 -9.37
C TYR A 175 -13.03 -3.40 -9.13
N CYS A 176 -14.08 -3.22 -9.92
CA CYS A 176 -15.02 -2.08 -9.76
C CYS A 176 -15.79 -2.17 -8.48
N ARG A 177 -16.27 -3.39 -8.17
CA ARG A 177 -16.97 -3.62 -6.91
C ARG A 177 -16.05 -3.24 -5.77
N ALA A 178 -14.86 -3.86 -5.70
CA ALA A 178 -13.81 -3.57 -4.69
C ALA A 178 -13.58 -2.07 -4.39
N LEU A 179 -13.37 -1.28 -5.44
CA LEU A 179 -13.25 0.16 -5.31
C LEU A 179 -14.43 0.74 -4.53
N ARG A 180 -15.67 0.37 -4.95
CA ARG A 180 -16.88 0.84 -4.26
C ARG A 180 -16.93 0.40 -2.79
N ASN A 181 -16.46 -0.83 -2.54
CA ASN A 181 -16.46 -1.44 -1.19
C ASN A 181 -15.46 -0.71 -0.33
N LEU A 182 -14.34 -0.32 -0.95
CA LEU A 182 -13.30 0.49 -0.28
C LEU A 182 -13.85 1.89 0.00
N GLY A 183 -14.62 2.42 -0.95
CA GLY A 183 -15.28 3.70 -0.78
C GLY A 183 -16.09 3.81 0.50
N SER A 184 -16.71 2.69 0.89
CA SER A 184 -17.57 2.63 2.12
C SER A 184 -16.84 3.04 3.41
N LEU A 185 -15.51 2.99 3.40
CA LEU A 185 -14.68 3.31 4.59
C LEU A 185 -14.32 4.76 4.69
N LEU A 186 -14.70 5.52 3.67
CA LEU A 186 -14.16 6.83 3.48
C LEU A 186 -15.18 7.94 3.69
N LYS A 187 -14.77 8.98 4.40
CA LYS A 187 -15.45 10.26 4.41
C LYS A 187 -15.56 10.78 3.02
N PRO A 188 -16.76 11.24 2.62
CA PRO A 188 -16.83 12.01 1.35
C PRO A 188 -15.79 13.13 1.39
N GLY A 189 -14.97 13.22 0.35
CA GLY A 189 -13.86 14.18 0.34
C GLY A 189 -12.53 13.54 0.71
N GLY A 190 -12.55 12.42 1.46
CA GLY A 190 -11.34 11.69 1.85
C GLY A 190 -10.57 11.13 0.66
N PHE A 191 -9.34 10.65 0.89
CA PHE A 191 -8.44 10.27 -0.20
C PHE A 191 -8.41 8.79 -0.50
N LEU A 192 -8.28 8.44 -1.78
CA LEU A 192 -7.96 7.06 -2.16
C LEU A 192 -6.69 7.05 -2.93
N VAL A 193 -5.69 6.35 -2.38
CA VAL A 193 -4.35 6.33 -2.95
C VAL A 193 -4.04 4.90 -3.38
N ILE A 194 -3.95 4.73 -4.69
CA ILE A 194 -3.71 3.42 -5.28
C ILE A 194 -2.34 3.42 -5.93
N MET A 195 -1.60 2.36 -5.68
CA MET A 195 -0.39 2.10 -6.41
C MET A 195 -0.50 0.68 -6.84
N ASP A 196 -0.05 0.43 -8.07
CA ASP A 196 -0.13 -0.86 -8.66
C ASP A 196 0.69 -0.88 -9.96
N ALA A 197 0.75 -2.04 -10.59
CA ALA A 197 1.33 -2.15 -11.91
C ALA A 197 0.25 -2.26 -12.96
N LEU A 198 0.55 -1.72 -14.14
CA LEU A 198 -0.15 -2.13 -15.35
C LEU A 198 0.86 -2.93 -16.16
N LYS A 199 0.79 -4.25 -16.04
CA LYS A 199 1.71 -5.13 -16.75
C LYS A 199 1.40 -5.13 -18.26
N SER A 200 2.44 -5.15 -19.09
CA SER A 200 2.25 -5.25 -20.55
C SER A 200 1.87 -6.67 -20.92
N SER A 201 1.54 -6.86 -22.20
CA SER A 201 1.22 -8.17 -22.75
C SER A 201 2.44 -9.10 -22.98
N TYR A 202 3.66 -8.57 -22.88
CA TYR A 202 4.87 -9.36 -23.19
C TYR A 202 5.11 -10.43 -22.18
N TYR A 203 5.34 -11.64 -22.68
CA TYR A 203 5.55 -12.86 -21.89
C TYR A 203 4.44 -13.18 -20.92
N MET A 204 3.28 -12.60 -21.14
CA MET A 204 2.15 -12.79 -20.25
C MET A 204 1.42 -14.10 -20.62
N ILE A 205 1.20 -14.96 -19.63
CA ILE A 205 0.36 -16.17 -19.74
C ILE A 205 -1.07 -15.88 -19.25
N GLY A 206 -2.08 -16.18 -20.08
CA GLY A 206 -3.48 -15.93 -19.72
C GLY A 206 -3.94 -14.50 -20.07
N GLU A 207 -4.87 -13.93 -19.29
CA GLU A 207 -5.45 -12.60 -19.61
C GLU A 207 -5.50 -11.59 -18.43
N GLN A 208 -5.35 -10.31 -18.76
CA GLN A 208 -5.30 -9.20 -17.79
C GLN A 208 -6.43 -8.20 -18.01
N LYS A 209 -6.87 -7.53 -16.94
CA LYS A 209 -8.01 -6.64 -17.08
C LYS A 209 -7.71 -5.25 -17.66
N PHE A 210 -6.42 -4.92 -17.80
CA PHE A 210 -6.03 -3.63 -18.38
C PHE A 210 -4.82 -3.75 -19.30
N SER A 211 -4.77 -2.87 -20.31
CA SER A 211 -3.55 -2.65 -21.10
C SER A 211 -2.57 -1.78 -20.30
N LEU A 213 -0.04 0.12 -21.56
CA LEU A 213 1.04 0.98 -22.04
C LEU A 213 0.69 2.48 -21.74
N PRO A 214 0.15 3.26 -22.72
CA PRO A 214 -0.53 4.50 -22.31
C PRO A 214 -2.06 4.40 -22.20
N LEU A 215 -2.67 3.45 -22.94
CA LEU A 215 -4.15 3.29 -22.99
C LEU A 215 -4.80 2.76 -21.70
N GLY A 216 -4.12 1.83 -21.02
CA GLY A 216 -4.62 1.15 -19.81
C GLY A 216 -4.86 2.07 -18.60
N ARG A 217 -4.07 3.15 -18.53
CA ARG A 217 -4.28 4.25 -17.59
C ARG A 217 -5.73 4.71 -17.62
N GLU A 218 -6.21 4.99 -18.83
CA GLU A 218 -7.57 5.45 -19.09
C GLU A 218 -8.68 4.47 -18.66
N ALA A 219 -8.36 3.19 -18.59
CA ALA A 219 -9.36 2.18 -18.21
C ALA A 219 -9.46 1.97 -16.68
N VAL A 220 -8.35 2.17 -15.97
CA VAL A 220 -8.39 2.09 -14.49
C VAL A 220 -9.00 3.40 -13.96
N GLU A 221 -8.65 4.51 -14.59
CA GLU A 221 -9.31 5.78 -14.30
C GLU A 221 -10.83 5.70 -14.45
N ALA A 222 -11.28 4.99 -15.47
CA ALA A 222 -12.70 4.88 -15.76
C ALA A 222 -13.38 4.01 -14.72
N ALA A 223 -12.66 2.97 -14.30
CA ALA A 223 -13.17 2.06 -13.28
C ALA A 223 -13.40 2.77 -11.93
N VAL A 224 -12.49 3.67 -11.55
CA VAL A 224 -12.57 4.47 -10.29
C VAL A 224 -13.55 5.66 -10.33
N LYS A 225 -13.65 6.33 -11.48
CA LYS A 225 -14.74 7.30 -11.72
C LYS A 225 -16.11 6.61 -11.52
N GLU A 226 -16.36 5.54 -12.29
CA GLU A 226 -17.58 4.72 -12.16
C GLU A 226 -17.84 4.21 -10.75
N ALA A 227 -16.81 4.15 -9.91
CA ALA A 227 -16.96 3.64 -8.53
C ALA A 227 -17.28 4.71 -7.47
N GLY A 228 -17.31 5.98 -7.94
CA GLY A 228 -17.77 7.10 -7.15
C GLY A 228 -16.64 7.86 -6.52
N TYR A 229 -15.65 8.23 -7.33
CA TYR A 229 -14.51 9.07 -6.94
C TYR A 229 -14.17 9.96 -8.11
N THR A 230 -13.44 11.05 -7.83
CA THR A 230 -12.82 11.85 -8.90
C THR A 230 -11.31 11.64 -8.95
N ILE A 231 -10.73 11.75 -10.14
CA ILE A 231 -9.29 11.62 -10.28
C ILE A 231 -8.58 12.92 -9.95
N GLU A 232 -7.77 12.89 -8.89
CA GLU A 232 -6.96 14.04 -8.50
C GLU A 232 -5.62 14.00 -9.27
N TRP A 233 -4.88 12.91 -9.18
CA TRP A 233 -3.63 12.83 -9.91
C TRP A 233 -3.29 11.38 -10.30
N PHE A 234 -2.70 11.20 -11.49
CA PHE A 234 -2.28 9.92 -11.94
C PHE A 234 -0.88 10.06 -12.47
N GLU A 235 0.04 9.21 -12.02
CA GLU A 235 1.44 9.35 -12.40
C GLU A 235 2.02 7.99 -12.75
N VAL A 236 2.67 7.93 -13.89
CA VAL A 236 3.51 6.78 -14.21
C VAL A 236 4.82 6.95 -13.40
N ILE A 237 5.25 5.88 -12.73
CA ILE A 237 6.50 5.85 -11.98
C ILE A 237 7.52 5.00 -12.76
N GLU A 249 7.66 -3.05 -16.41
CA GLU A 249 6.32 -3.04 -15.84
C GLU A 249 5.87 -1.61 -15.60
N GLY A 250 4.58 -1.34 -15.85
CA GLY A 250 4.02 0.01 -15.75
C GLY A 250 3.55 0.31 -14.33
N LEU A 251 4.48 0.80 -13.52
CA LEU A 251 4.18 1.19 -12.14
C LEU A 251 3.48 2.53 -12.10
N PHE A 252 2.35 2.61 -11.42
CA PHE A 252 1.62 3.85 -11.39
C PHE A 252 1.08 4.30 -10.01
N SER A 253 0.80 5.59 -9.90
CA SER A 253 0.10 6.15 -8.75
C SER A 253 -1.24 6.61 -9.19
N LEU A 254 -2.19 6.59 -8.27
CA LEU A 254 -3.44 7.23 -8.53
C LEU A 254 -3.99 7.72 -7.22
N VAL A 255 -4.06 9.04 -7.10
CA VAL A 255 -4.78 9.66 -6.01
C VAL A 255 -6.14 10.09 -6.54
N ALA A 256 -7.18 9.66 -5.83
CA ALA A 256 -8.56 9.94 -6.11
C ALA A 256 -9.29 10.49 -4.87
N ARG A 257 -10.39 11.21 -5.07
CA ARG A 257 -11.21 11.64 -3.91
C ARG A 257 -12.62 11.10 -4.01
N LYS A 258 -13.10 10.57 -2.89
CA LYS A 258 -14.45 10.05 -2.74
C LYS A 258 -15.54 11.15 -2.85
N LEU A 259 -16.56 10.84 -3.67
CA LEU A 259 -17.71 11.73 -4.02
C LEU A 259 -18.84 11.80 -3.01
CA GLY B 1 6.14 -12.13 -6.34
C GLY B 1 6.50 -10.67 -6.24
C1 MEA B 2 8.76 -11.38 -5.61
N MEA B 2 7.71 -10.36 -5.76
CA MEA B 2 8.04 -8.95 -5.48
C MEA B 2 7.77 -8.10 -6.74
O MEA B 2 8.20 -8.53 -7.81
CB MEA B 2 9.49 -8.86 -5.03
CG MEA B 2 9.80 -7.43 -4.66
CD1 MEA B 2 10.17 -6.51 -5.63
CE1 MEA B 2 10.41 -5.19 -5.27
CZ MEA B 2 10.30 -4.81 -3.92
CE2 MEA B 2 9.92 -5.73 -2.96
CD2 MEA B 2 9.66 -7.04 -3.33
N PRO B 3 7.10 -6.93 -6.64
CA PRO B 3 6.65 -6.27 -5.39
C PRO B 3 5.27 -6.66 -4.81
N TYR B 4 4.60 -7.67 -5.36
CA TYR B 4 3.41 -8.22 -4.66
C TYR B 4 3.85 -8.96 -3.43
N ARG B 5 3.03 -8.81 -2.40
CA ARG B 5 3.20 -9.43 -1.12
C ARG B 5 2.55 -10.81 -1.08
N PRO B 6 2.90 -11.64 -0.08
CA PRO B 6 2.11 -12.86 0.07
C PRO B 6 0.64 -12.51 0.44
C DI8 B 7 -0.33 -14.36 -2.27
N DI8 B 7 -0.33 -13.32 -0.01
O DI8 B 7 -0.49 -15.34 -3.01
C1 DI8 B 7 -0.97 -15.67 -0.23
C2 DI8 B 7 -2.40 -15.23 -0.43
C3 DI8 B 7 -3.35 -16.15 -0.87
C4 DI8 B 7 -4.69 -15.74 -1.06
C5 DI8 B 7 -5.02 -14.41 -0.78
C6 DI8 B 7 -4.08 -13.48 -0.32
C7 DI8 B 7 -2.75 -13.89 -0.15
C8 DI8 B 7 -1.71 -12.90 0.35
CA DI8 B 7 -0.09 -14.56 -0.78
N XA6 B 8 -0.34 -13.10 -2.71
CA XA6 B 8 -0.48 -12.73 -4.11
CB XA6 B 8 -0.79 -11.26 -4.24
CG XA6 B 8 -2.06 -10.96 -3.50
CD1 XA6 B 8 -1.97 -10.18 -2.33
CE1 XA6 B 8 -3.14 -9.91 -1.61
CD2 XA6 B 8 -3.29 -11.50 -3.95
CE2 XA6 B 8 -4.47 -11.22 -3.24
CZ1 XA6 B 8 -4.37 -10.43 -2.07
CH XA6 B 8 -5.63 -10.11 -1.32
OT XA6 B 8 -6.60 -10.85 -1.44
NT XA6 B 8 -5.68 -8.96 -0.61
C XA6 B 8 0.77 -12.95 -4.92
O XA6 B 8 0.67 -13.20 -6.14
N CYS B 9 1.95 -12.81 -4.28
CA CYS B 9 3.17 -13.10 -4.99
C CYS B 9 3.27 -14.60 -5.15
#